data_4JEJ
#
_entry.id   4JEJ
#
_cell.length_a   82.270
_cell.length_b   43.010
_cell.length_c   75.927
_cell.angle_alpha   90.00
_cell.angle_beta   117.41
_cell.angle_gamma   90.00
#
_symmetry.space_group_name_H-M   'C 1 2 1'
#
loop_
_entity.id
_entity.type
_entity.pdbx_description
1 polymer 'Geranylgeranylglyceryl phosphate synthase'
2 non-polymer SN-GLYCEROL-1-PHOSPHATE
3 non-polymer 'TRIETHYLENE GLYCOL'
4 non-polymer 'PHOSPHATE ION'
5 non-polymer 'MAGNESIUM ION'
6 water water
#
_entity_poly.entity_id   1
_entity_poly.type   'polypeptide(L)'
_entity_poly.pdbx_seq_one_letter_code
;MEQKILTTIHQQILEAKKNGQKLLAILLDPDKIVWENLDHLLLKINQSPATHIFVGGSIVESTIIEDLIAQLKQKTRLPV
VIFPGDPSQISPKADAILFLSLLSGRNPDYLIEYQVQAAPILKKTNLEVISTGYILIESGNETAVARVSKTEPLNRENFD
LALATAQAGEMLGSKLIYLEAGSGAKKPVPLEMISVISQNVEIPIIVGGGIVDLHGIKKAYNAGADLVVIGTAFENDSHF
FDSL
;
_entity_poly.pdbx_strand_id   A
#
loop_
_chem_comp.id
_chem_comp.type
_chem_comp.name
_chem_comp.formula
1GP non-polymer SN-GLYCEROL-1-PHOSPHATE 'C3 H9 O6 P'
MG non-polymer 'MAGNESIUM ION' 'Mg 2'
PGE non-polymer 'TRIETHYLENE GLYCOL' 'C6 H14 O4'
PO4 non-polymer 'PHOSPHATE ION' 'O4 P -3'
#
# COMPACT_ATOMS: atom_id res chain seq x y z
N LYS A 4 -1.55 12.77 -18.79
CA LYS A 4 -0.61 11.68 -18.61
C LYS A 4 -0.53 10.85 -19.88
N ILE A 5 0.00 9.65 -19.76
CA ILE A 5 0.12 8.72 -20.89
C ILE A 5 -0.30 7.33 -20.40
N LEU A 6 -0.64 6.44 -21.33
CA LEU A 6 -0.94 5.04 -20.98
C LEU A 6 0.31 4.22 -20.66
N THR A 7 0.40 3.76 -19.41
CA THR A 7 1.54 2.97 -18.96
C THR A 7 1.04 1.89 -18.00
N THR A 8 1.81 0.84 -17.77
CA THR A 8 1.55 -0.01 -16.63
C THR A 8 1.79 0.80 -15.38
N ILE A 9 1.17 0.41 -14.28
CA ILE A 9 1.40 1.09 -13.03
C ILE A 9 2.84 0.88 -12.56
N HIS A 10 3.39 -0.30 -12.83
CA HIS A 10 4.77 -0.55 -12.47
C HIS A 10 5.69 0.43 -13.19
N GLN A 11 5.49 0.61 -14.50
CA GLN A 11 6.33 1.53 -15.26
C GLN A 11 6.09 2.96 -14.83
N GLN A 12 4.84 3.30 -14.50
CA GLN A 12 4.53 4.62 -13.97
C GLN A 12 5.33 4.94 -12.70
N ILE A 13 5.40 3.99 -11.78
CA ILE A 13 6.16 4.16 -10.54
C ILE A 13 7.67 4.25 -10.81
N LEU A 14 8.15 3.42 -11.71
CA LEU A 14 9.57 3.44 -12.06
C LEU A 14 9.95 4.79 -12.68
N GLU A 15 9.13 5.26 -13.60
CA GLU A 15 9.41 6.54 -14.27
C GLU A 15 9.36 7.69 -13.27
N ALA A 16 8.40 7.65 -12.34
CA ALA A 16 8.26 8.69 -11.34
C ALA A 16 9.49 8.75 -10.45
N LYS A 17 9.99 7.58 -10.05
CA LYS A 17 11.20 7.51 -9.26
C LYS A 17 12.40 8.08 -10.03
N LYS A 18 12.52 7.71 -11.30
CA LYS A 18 13.63 8.17 -12.12
C LYS A 18 13.57 9.68 -12.28
N ASN A 19 12.37 10.22 -12.46
CA ASN A 19 12.20 11.65 -12.68
C ASN A 19 12.08 12.44 -11.38
N GLY A 20 12.22 11.75 -10.26
CA GLY A 20 12.08 12.38 -8.95
C GLY A 20 10.70 12.91 -8.59
N GLN A 21 9.64 12.37 -9.22
CA GLN A 21 8.27 12.81 -8.95
C GLN A 21 7.56 11.91 -7.93
N LYS A 22 7.21 12.47 -6.78
CA LYS A 22 6.68 11.69 -5.67
C LYS A 22 5.22 11.30 -5.88
N LEU A 23 4.86 10.10 -5.45
CA LEU A 23 3.51 9.58 -5.68
C LEU A 23 2.77 9.43 -4.37
N LEU A 24 1.44 9.37 -4.45
CA LEU A 24 0.59 9.42 -3.26
C LEU A 24 -0.61 8.54 -3.48
N ALA A 25 -0.81 7.56 -2.60
CA ALA A 25 -1.96 6.69 -2.68
C ALA A 25 -2.87 6.93 -1.52
N ILE A 26 -4.16 7.02 -1.79
CA ILE A 26 -5.17 6.99 -0.74
C ILE A 26 -5.68 5.58 -0.63
N LEU A 27 -5.61 5.03 0.58
CA LEU A 27 -6.10 3.69 0.85
C LEU A 27 -7.52 3.79 1.36
N LEU A 28 -8.44 3.12 0.65
CA LEU A 28 -9.80 2.93 1.11
C LEU A 28 -10.00 1.53 1.56
N ASP A 29 -10.41 1.41 2.81
CA ASP A 29 -10.70 0.14 3.42
C ASP A 29 -12.20 -0.05 3.35
N PRO A 30 -12.64 -1.06 2.58
CA PRO A 30 -14.07 -1.18 2.29
C PRO A 30 -14.93 -1.41 3.53
N ASP A 31 -14.34 -1.90 4.60
CA ASP A 31 -15.07 -2.17 5.84
C ASP A 31 -15.28 -0.90 6.63
N LYS A 32 -14.48 0.12 6.34
CA LYS A 32 -14.54 1.38 7.08
C LYS A 32 -15.28 2.46 6.28
N ILE A 33 -15.84 2.08 5.13
CA ILE A 33 -16.55 3.04 4.30
C ILE A 33 -18.01 3.22 4.69
N VAL A 34 -18.38 4.46 4.98
CA VAL A 34 -19.79 4.80 5.18
C VAL A 34 -20.34 5.22 3.82
N TRP A 35 -21.20 4.38 3.26
CA TRP A 35 -21.59 4.52 1.86
C TRP A 35 -22.43 5.76 1.61
N GLU A 36 -23.16 6.20 2.62
CA GLU A 36 -23.98 7.40 2.50
C GLU A 36 -23.11 8.60 2.17
N ASN A 37 -21.82 8.50 2.48
CA ASN A 37 -20.90 9.62 2.30
C ASN A 37 -19.86 9.37 1.20
N LEU A 38 -20.01 8.28 0.46
CA LEU A 38 -18.96 7.88 -0.47
C LEU A 38 -18.83 8.83 -1.65
N ASP A 39 -19.96 9.32 -2.18
CA ASP A 39 -19.92 10.26 -3.29
C ASP A 39 -19.06 11.47 -2.94
N HIS A 40 -19.25 12.03 -1.75
CA HIS A 40 -18.45 13.16 -1.32
C HIS A 40 -16.98 12.76 -1.17
N LEU A 41 -16.75 11.59 -0.62
CA LEU A 41 -15.39 11.13 -0.41
C LEU A 41 -14.67 11.02 -1.75
N LEU A 42 -15.35 10.53 -2.79
CA LEU A 42 -14.67 10.36 -4.07
C LEU A 42 -14.39 11.70 -4.71
N LEU A 43 -15.29 12.66 -4.52
CA LEU A 43 -15.02 14.03 -4.97
C LEU A 43 -13.74 14.55 -4.32
N LYS A 44 -13.58 14.33 -3.02
CA LYS A 44 -12.37 14.80 -2.34
C LYS A 44 -11.13 14.06 -2.86
N ILE A 45 -11.27 12.79 -3.24
CA ILE A 45 -10.12 12.10 -3.81
C ILE A 45 -9.74 12.76 -5.11
N ASN A 46 -10.73 13.08 -5.92
CA ASN A 46 -10.46 13.69 -7.21
C ASN A 46 -9.77 15.04 -7.10
N GLN A 47 -10.07 15.76 -6.04
CA GLN A 47 -9.52 17.09 -5.81
C GLN A 47 -8.16 17.02 -5.15
N SER A 48 -7.86 15.87 -4.57
CA SER A 48 -6.62 15.67 -3.84
C SER A 48 -5.41 15.50 -4.77
N PRO A 49 -4.20 15.54 -4.21
CA PRO A 49 -2.99 15.26 -4.99
C PRO A 49 -2.70 13.76 -5.19
N ALA A 50 -3.61 12.90 -4.73
CA ALA A 50 -3.45 11.46 -4.94
C ALA A 50 -3.22 11.12 -6.39
N THR A 51 -2.31 10.15 -6.60
CA THR A 51 -2.04 9.59 -7.90
C THR A 51 -2.61 8.17 -8.08
N HIS A 52 -2.91 7.52 -6.96
CA HIS A 52 -3.39 6.17 -6.94
C HIS A 52 -4.40 6.00 -5.82
N ILE A 53 -5.30 5.06 -6.01
CA ILE A 53 -6.17 4.61 -4.95
C ILE A 53 -5.85 3.15 -4.66
N PHE A 54 -5.53 2.85 -3.41
CA PHE A 54 -5.35 1.47 -3.00
C PHE A 54 -6.60 1.06 -2.27
N VAL A 55 -7.00 -0.20 -2.45
CA VAL A 55 -8.20 -0.75 -1.82
C VAL A 55 -7.88 -2.07 -1.15
N GLY A 56 -8.15 -2.13 0.15
CA GLY A 56 -7.88 -3.34 0.91
C GLY A 56 -7.72 -2.98 2.38
N GLY A 57 -7.03 -3.81 3.16
CA GLY A 57 -6.71 -3.44 4.53
C GLY A 57 -7.69 -3.92 5.59
N SER A 58 -8.56 -4.85 5.21
CA SER A 58 -9.46 -5.48 6.18
C SER A 58 -10.00 -6.74 5.56
N ILE A 59 -10.29 -7.74 6.39
CA ILE A 59 -10.92 -8.97 5.92
C ILE A 59 -12.38 -8.64 5.68
N VAL A 60 -12.82 -8.64 4.42
CA VAL A 60 -14.21 -8.34 4.10
C VAL A 60 -14.69 -9.23 2.95
N GLU A 61 -16.01 -9.46 2.87
CA GLU A 61 -16.58 -10.26 1.79
C GLU A 61 -16.31 -9.60 0.44
N SER A 62 -16.04 -10.43 -0.57
CA SER A 62 -15.60 -9.95 -1.88
C SER A 62 -16.61 -9.02 -2.55
N THR A 63 -17.89 -9.23 -2.30
CA THR A 63 -18.90 -8.42 -2.96
C THR A 63 -18.79 -6.96 -2.53
N ILE A 64 -18.43 -6.72 -1.28
CA ILE A 64 -18.33 -5.36 -0.79
C ILE A 64 -17.14 -4.66 -1.45
N ILE A 65 -16.06 -5.42 -1.66
CA ILE A 65 -14.92 -4.83 -2.34
C ILE A 65 -15.28 -4.52 -3.79
N GLU A 66 -16.04 -5.41 -4.41
CA GLU A 66 -16.34 -5.22 -5.82
C GLU A 66 -17.23 -4.01 -6.01
N ASP A 67 -18.18 -3.83 -5.08
CA ASP A 67 -19.06 -2.67 -5.09
C ASP A 67 -18.28 -1.38 -4.99
N LEU A 68 -17.33 -1.32 -4.06
CA LEU A 68 -16.52 -0.13 -3.91
C LEU A 68 -15.68 0.13 -5.16
N ILE A 69 -15.00 -0.89 -5.65
CA ILE A 69 -14.16 -0.69 -6.81
C ILE A 69 -14.99 -0.21 -8.02
N ALA A 70 -16.18 -0.75 -8.20
CA ALA A 70 -17.04 -0.28 -9.29
C ALA A 70 -17.29 1.22 -9.17
N GLN A 71 -17.53 1.72 -7.96
CA GLN A 71 -17.75 3.15 -7.79
C GLN A 71 -16.48 3.92 -8.11
N LEU A 72 -15.34 3.41 -7.66
CA LEU A 72 -14.09 4.13 -7.95
C LEU A 72 -13.82 4.23 -9.43
N LYS A 73 -14.06 3.13 -10.16
CA LYS A 73 -13.76 3.12 -11.59
C LYS A 73 -14.71 4.02 -12.36
N GLN A 74 -15.92 4.21 -11.82
CA GLN A 74 -16.88 5.12 -12.46
C GLN A 74 -16.56 6.58 -12.18
N LYS A 75 -16.26 6.90 -10.94
CA LYS A 75 -16.32 8.29 -10.48
C LYS A 75 -14.98 8.94 -10.27
N THR A 76 -13.89 8.17 -10.35
CA THR A 76 -12.55 8.73 -10.37
C THR A 76 -11.79 8.31 -11.62
N ARG A 77 -10.68 8.99 -11.89
CA ARG A 77 -9.83 8.63 -13.00
C ARG A 77 -8.50 8.02 -12.54
N LEU A 78 -8.36 7.81 -11.24
CA LEU A 78 -7.11 7.25 -10.74
C LEU A 78 -7.02 5.74 -10.88
N PRO A 79 -5.81 5.23 -11.10
CA PRO A 79 -5.63 3.78 -11.08
C PRO A 79 -6.01 3.20 -9.74
N VAL A 80 -6.70 2.07 -9.77
CA VAL A 80 -7.16 1.40 -8.57
C VAL A 80 -6.35 0.14 -8.40
N VAL A 81 -5.63 0.10 -7.29
CA VAL A 81 -4.71 -1.00 -7.03
C VAL A 81 -5.21 -1.75 -5.81
N ILE A 82 -5.44 -3.04 -5.96
CA ILE A 82 -5.84 -3.87 -4.85
C ILE A 82 -4.65 -4.16 -3.94
N PHE A 83 -4.92 -4.06 -2.65
CA PHE A 83 -3.95 -4.17 -1.57
C PHE A 83 -4.52 -5.29 -0.73
N PRO A 84 -4.24 -6.54 -1.12
CA PRO A 84 -5.03 -7.70 -0.66
C PRO A 84 -4.50 -8.38 0.62
N GLY A 85 -5.41 -8.88 1.44
CA GLY A 85 -5.02 -9.66 2.60
C GLY A 85 -5.19 -11.16 2.44
N ASP A 86 -5.91 -11.57 1.39
CA ASP A 86 -6.38 -12.95 1.18
C ASP A 86 -6.75 -13.00 -0.30
N PRO A 87 -6.65 -14.17 -0.96
CA PRO A 87 -7.03 -14.29 -2.38
C PRO A 87 -8.50 -13.97 -2.66
N SER A 88 -9.34 -14.00 -1.64
CA SER A 88 -10.76 -13.68 -1.85
C SER A 88 -10.96 -12.21 -2.23
N GLN A 89 -10.00 -11.35 -1.85
CA GLN A 89 -10.10 -9.92 -2.10
C GLN A 89 -9.76 -9.55 -3.52
N ILE A 90 -9.42 -10.52 -4.34
CA ILE A 90 -9.15 -10.22 -5.73
C ILE A 90 -10.44 -9.85 -6.44
N SER A 91 -10.42 -8.70 -7.12
CA SER A 91 -11.54 -8.23 -7.90
C SER A 91 -11.06 -7.91 -9.29
N PRO A 92 -11.75 -8.44 -10.30
CA PRO A 92 -11.31 -8.21 -11.67
C PRO A 92 -11.52 -6.78 -12.15
N LYS A 93 -12.25 -5.97 -11.39
CA LYS A 93 -12.54 -4.60 -11.84
C LYS A 93 -11.41 -3.62 -11.55
N ALA A 94 -10.48 -3.99 -10.67
CA ALA A 94 -9.34 -3.12 -10.39
C ALA A 94 -8.35 -3.09 -11.55
N ASP A 95 -7.38 -2.18 -11.48
CA ASP A 95 -6.38 -2.05 -12.55
C ASP A 95 -5.18 -2.92 -12.28
N ALA A 96 -4.82 -3.05 -11.01
CA ALA A 96 -3.63 -3.79 -10.65
C ALA A 96 -3.75 -4.33 -9.24
N ILE A 97 -2.81 -5.19 -8.89
CA ILE A 97 -2.79 -5.77 -7.59
C ILE A 97 -1.35 -5.80 -7.11
N LEU A 98 -1.16 -5.37 -5.88
CA LEU A 98 0.13 -5.57 -5.23
C LEU A 98 0.15 -6.98 -4.73
N PHE A 99 1.01 -7.80 -5.34
CA PHE A 99 1.12 -9.20 -5.01
C PHE A 99 2.09 -9.30 -3.85
N LEU A 100 1.56 -9.13 -2.66
CA LEU A 100 2.33 -9.00 -1.43
C LEU A 100 2.90 -10.33 -0.99
N SER A 101 4.10 -10.27 -0.43
CA SER A 101 4.63 -11.35 0.36
C SER A 101 5.11 -10.71 1.67
N LEU A 102 4.73 -11.29 2.81
CA LEU A 102 4.99 -10.70 4.13
C LEU A 102 6.37 -11.13 4.61
N LEU A 103 7.36 -10.42 4.11
CA LEU A 103 8.78 -10.75 4.29
C LEU A 103 9.28 -10.55 5.72
N SER A 104 8.58 -9.75 6.52
CA SER A 104 8.90 -9.55 7.92
C SER A 104 8.42 -10.70 8.79
N GLY A 105 7.55 -11.53 8.22
CA GLY A 105 6.92 -12.62 8.95
C GLY A 105 7.44 -13.99 8.55
N ARG A 106 7.14 -14.99 9.37
CA ARG A 106 7.54 -16.38 9.08
C ARG A 106 6.32 -17.27 9.08
N ASN A 107 5.17 -16.72 8.68
CA ASN A 107 3.97 -17.51 8.47
C ASN A 107 3.91 -17.85 6.98
N PRO A 108 4.10 -19.13 6.63
CA PRO A 108 4.11 -19.49 5.23
C PRO A 108 2.81 -19.18 4.45
N ASP A 109 1.68 -19.02 5.14
CA ASP A 109 0.46 -18.69 4.43
C ASP A 109 0.63 -17.37 3.67
N TYR A 110 1.40 -16.45 4.23
CA TYR A 110 1.53 -15.10 3.68
C TYR A 110 2.85 -14.94 2.91
N LEU A 111 3.62 -16.01 2.82
CA LEU A 111 4.82 -16.03 1.99
C LEU A 111 4.59 -16.71 0.66
N ILE A 112 3.84 -17.82 0.65
CA ILE A 112 3.66 -18.55 -0.59
C ILE A 112 2.26 -19.16 -0.73
N GLU A 113 1.64 -19.62 0.36
CA GLU A 113 0.40 -20.39 0.20
C GLU A 113 -0.70 -19.61 -0.47
N TYR A 114 -0.95 -18.40 0.00
CA TYR A 114 -2.03 -17.61 -0.56
C TYR A 114 -1.67 -17.17 -1.97
N GLN A 115 -0.39 -16.97 -2.22
CA GLN A 115 0.06 -16.60 -3.55
C GLN A 115 -0.17 -17.74 -4.57
N VAL A 116 0.07 -19.00 -4.17
CA VAL A 116 -0.18 -20.14 -5.04
C VAL A 116 -1.70 -20.30 -5.30
N GLN A 117 -2.49 -20.11 -4.26
CA GLN A 117 -3.93 -20.09 -4.41
C GLN A 117 -4.40 -19.00 -5.36
N ALA A 118 -3.78 -17.82 -5.25
CA ALA A 118 -4.13 -16.67 -6.06
C ALA A 118 -3.73 -16.77 -7.53
N ALA A 119 -2.67 -17.50 -7.82
CA ALA A 119 -2.10 -17.44 -9.16
C ALA A 119 -3.08 -17.80 -10.28
N PRO A 120 -3.77 -18.95 -10.16
CA PRO A 120 -4.74 -19.31 -11.20
C PRO A 120 -5.93 -18.35 -11.25
N ILE A 121 -6.29 -17.73 -10.13
CA ILE A 121 -7.36 -16.74 -10.09
C ILE A 121 -6.92 -15.53 -10.89
N LEU A 122 -5.70 -15.06 -10.63
CA LEU A 122 -5.19 -13.91 -11.33
C LEU A 122 -5.03 -14.13 -12.82
N LYS A 123 -4.74 -15.37 -13.21
CA LYS A 123 -4.67 -15.72 -14.62
C LYS A 123 -6.01 -15.62 -15.34
N LYS A 124 -7.12 -15.62 -14.62
CA LYS A 124 -8.39 -15.40 -15.30
C LYS A 124 -8.87 -13.94 -15.16
N THR A 125 -7.92 -13.05 -14.87
CA THR A 125 -8.20 -11.61 -14.88
C THR A 125 -7.23 -10.84 -15.77
N ASN A 126 -7.50 -9.57 -15.99
CA ASN A 126 -6.57 -8.69 -16.70
C ASN A 126 -5.79 -7.77 -15.77
N LEU A 127 -5.73 -8.13 -14.49
CA LEU A 127 -5.02 -7.32 -13.51
C LEU A 127 -3.52 -7.33 -13.76
N GLU A 128 -2.90 -6.16 -13.66
CA GLU A 128 -1.46 -6.08 -13.59
C GLU A 128 -1.03 -6.55 -12.19
N VAL A 129 -0.11 -7.51 -12.15
CA VAL A 129 0.34 -8.13 -10.91
C VAL A 129 1.75 -7.61 -10.62
N ILE A 130 1.91 -6.96 -9.48
CA ILE A 130 3.18 -6.31 -9.14
C ILE A 130 3.72 -6.88 -7.83
N SER A 131 4.77 -7.70 -7.93
CA SER A 131 5.37 -8.34 -6.76
C SER A 131 5.83 -7.27 -5.78
N THR A 132 5.39 -7.37 -4.54
CA THR A 132 5.65 -6.36 -3.53
C THR A 132 6.12 -7.01 -2.25
N GLY A 133 7.33 -6.66 -1.84
CA GLY A 133 7.87 -7.11 -0.57
C GLY A 133 7.30 -6.30 0.57
N TYR A 134 6.46 -6.95 1.38
CA TYR A 134 5.68 -6.28 2.42
C TYR A 134 6.37 -6.50 3.75
N ILE A 135 6.83 -5.41 4.35
CA ILE A 135 7.64 -5.46 5.57
C ILE A 135 6.96 -4.66 6.69
N LEU A 136 6.46 -5.37 7.69
CA LEU A 136 5.79 -4.76 8.81
C LEU A 136 6.80 -4.34 9.84
N ILE A 137 6.73 -3.07 10.20
CA ILE A 137 7.68 -2.46 11.12
C ILE A 137 6.96 -2.14 12.43
N GLU A 138 7.57 -2.49 13.55
CA GLU A 138 6.94 -2.29 14.84
C GLU A 138 6.62 -0.81 15.04
N SER A 139 5.47 -0.55 15.64
CA SER A 139 4.95 0.81 15.65
C SER A 139 4.32 1.23 16.97
N GLY A 140 4.50 0.44 18.02
CA GLY A 140 4.00 0.83 19.34
C GLY A 140 2.88 -0.03 19.91
N ASN A 141 1.87 -0.32 19.09
CA ASN A 141 0.79 -1.22 19.50
C ASN A 141 0.65 -2.30 18.44
N GLU A 142 -0.03 -3.39 18.77
CA GLU A 142 -0.26 -4.47 17.81
C GLU A 142 -1.22 -3.98 16.76
N THR A 143 -0.86 -4.17 15.50
CA THR A 143 -1.72 -3.76 14.39
C THR A 143 -2.49 -4.95 13.84
N ALA A 144 -3.43 -4.66 12.95
CA ALA A 144 -4.27 -5.69 12.36
C ALA A 144 -3.45 -6.62 11.49
N VAL A 145 -2.45 -6.08 10.79
CA VAL A 145 -1.56 -6.92 9.98
C VAL A 145 -0.93 -8.02 10.85
N ALA A 146 -0.35 -7.65 11.98
CA ALA A 146 0.25 -8.64 12.89
C ALA A 146 -0.80 -9.59 13.45
N ARG A 147 -1.94 -9.04 13.84
CA ARG A 147 -3.01 -9.84 14.42
C ARG A 147 -3.47 -10.91 13.45
N VAL A 148 -3.80 -10.51 12.22
CA VAL A 148 -4.38 -11.45 11.29
C VAL A 148 -3.33 -12.45 10.79
N SER A 149 -2.11 -11.97 10.54
CA SER A 149 -1.06 -12.83 10.01
C SER A 149 -0.41 -13.73 11.07
N LYS A 150 -0.65 -13.42 12.35
CA LYS A 150 0.00 -14.10 13.46
C LYS A 150 1.52 -14.04 13.31
N THR A 151 2.03 -12.90 12.84
CA THR A 151 3.46 -12.66 12.75
C THR A 151 3.85 -11.47 13.63
N GLU A 152 5.15 -11.30 13.85
CA GLU A 152 5.63 -10.17 14.62
C GLU A 152 6.29 -9.18 13.70
N PRO A 153 6.13 -7.89 13.99
CA PRO A 153 6.77 -6.90 13.13
C PRO A 153 8.27 -6.86 13.37
N LEU A 154 8.98 -6.27 12.43
CA LEU A 154 10.40 -6.08 12.59
C LEU A 154 10.66 -4.96 13.59
N ASN A 155 11.62 -5.18 14.49
CA ASN A 155 12.01 -4.14 15.42
C ASN A 155 12.37 -2.83 14.72
N ARG A 156 11.77 -1.73 15.17
CA ARG A 156 11.92 -0.47 14.47
C ARG A 156 13.29 0.17 14.60
N GLU A 157 14.15 -0.40 15.45
CA GLU A 157 15.51 0.07 15.57
C GLU A 157 16.52 -0.85 14.88
N ASN A 158 16.06 -1.96 14.32
CA ASN A 158 16.99 -2.88 13.67
C ASN A 158 17.05 -2.60 12.19
N PHE A 159 17.73 -1.53 11.85
CA PHE A 159 17.86 -1.08 10.48
C PHE A 159 18.53 -2.13 9.62
N ASP A 160 19.56 -2.81 10.14
CA ASP A 160 20.26 -3.86 9.37
C ASP A 160 19.31 -4.97 8.94
N LEU A 161 18.42 -5.40 9.82
CA LEU A 161 17.48 -6.48 9.49
C LEU A 161 16.45 -5.99 8.49
N ALA A 162 15.97 -4.76 8.67
CA ALA A 162 14.99 -4.25 7.75
C ALA A 162 15.62 -4.18 6.35
N LEU A 163 16.86 -3.70 6.28
CA LEU A 163 17.59 -3.63 5.04
C LEU A 163 17.78 -5.01 4.43
N ALA A 164 18.21 -5.97 5.23
CA ALA A 164 18.48 -7.29 4.71
C ALA A 164 17.18 -7.89 4.15
N THR A 165 16.09 -7.60 4.83
CA THR A 165 14.80 -8.11 4.40
C THR A 165 14.42 -7.50 3.05
N ALA A 166 14.62 -6.19 2.90
CA ALA A 166 14.30 -5.54 1.63
C ALA A 166 15.23 -6.04 0.54
N GLN A 167 16.50 -6.28 0.89
CA GLN A 167 17.43 -6.73 -0.10
C GLN A 167 17.12 -8.15 -0.55
N ALA A 168 16.69 -9.00 0.38
CA ALA A 168 16.31 -10.34 0.03
C ALA A 168 15.09 -10.31 -0.89
N GLY A 169 14.12 -9.47 -0.56
CA GLY A 169 12.97 -9.25 -1.44
C GLY A 169 13.39 -8.88 -2.83
N GLU A 170 14.26 -7.90 -2.93
CA GLU A 170 14.74 -7.43 -4.21
C GLU A 170 15.43 -8.57 -4.95
N MET A 171 16.22 -9.37 -4.25
CA MET A 171 16.95 -10.47 -4.89
C MET A 171 16.01 -11.56 -5.35
N LEU A 172 14.96 -11.80 -4.58
CA LEU A 172 13.94 -12.79 -4.93
C LEU A 172 13.04 -12.34 -6.08
N GLY A 173 13.02 -11.04 -6.35
CA GLY A 173 12.31 -10.52 -7.50
C GLY A 173 11.17 -9.55 -7.18
N SER A 174 11.07 -9.12 -5.92
CA SER A 174 10.10 -8.06 -5.56
C SER A 174 10.34 -6.86 -6.48
N LYS A 175 9.28 -6.25 -6.99
CA LYS A 175 9.40 -5.05 -7.81
C LYS A 175 9.24 -3.75 -7.00
N LEU A 176 8.60 -3.85 -5.83
CA LEU A 176 8.39 -2.74 -4.92
C LEU A 176 8.67 -3.25 -3.52
N ILE A 177 9.09 -2.37 -2.62
CA ILE A 177 9.16 -2.70 -1.22
C ILE A 177 8.07 -1.83 -0.58
N TYR A 178 7.26 -2.38 0.30
CA TYR A 178 6.28 -1.60 1.04
C TYR A 178 6.62 -1.71 2.51
N LEU A 179 7.09 -0.59 3.07
CA LEU A 179 7.43 -0.49 4.49
C LEU A 179 6.20 -0.04 5.21
N GLU A 180 5.68 -0.89 6.08
CA GLU A 180 4.33 -0.74 6.60
C GLU A 180 4.37 -0.65 8.11
N ALA A 181 3.89 0.45 8.66
CA ALA A 181 3.75 0.54 10.11
C ALA A 181 2.43 -0.02 10.61
N GLY A 182 1.47 -0.21 9.71
CA GLY A 182 0.15 -0.72 10.04
C GLY A 182 -0.85 0.42 10.07
N SER A 183 -2.11 0.09 9.76
CA SER A 183 -3.16 1.10 9.75
C SER A 183 -3.34 1.71 11.13
N GLY A 184 -3.24 3.03 11.20
CA GLY A 184 -3.46 3.75 12.44
C GLY A 184 -2.33 3.59 13.43
N ALA A 185 -1.15 3.25 12.92
CA ALA A 185 0.02 3.00 13.77
C ALA A 185 0.27 4.19 14.67
N LYS A 186 0.68 3.93 15.91
CA LYS A 186 1.11 5.02 16.78
C LYS A 186 2.39 5.71 16.29
N LYS A 187 3.40 4.91 15.92
CA LYS A 187 4.64 5.46 15.39
C LYS A 187 4.80 5.03 13.93
N PRO A 188 4.93 6.01 13.01
CA PRO A 188 5.20 5.71 11.61
C PRO A 188 6.57 5.03 11.42
N VAL A 189 6.79 4.50 10.23
CA VAL A 189 8.09 3.93 9.89
C VAL A 189 9.18 4.97 10.11
N PRO A 190 10.29 4.56 10.78
CA PRO A 190 11.35 5.56 11.00
C PRO A 190 11.98 6.13 9.74
N LEU A 191 12.23 7.44 9.76
CA LEU A 191 12.76 8.11 8.60
C LEU A 191 14.14 7.59 8.25
N GLU A 192 14.98 7.33 9.26
CA GLU A 192 16.30 6.79 9.00
C GLU A 192 16.22 5.40 8.37
N MET A 193 15.18 4.64 8.69
CA MET A 193 15.00 3.32 8.06
C MET A 193 14.65 3.48 6.58
N ILE A 194 13.76 4.43 6.28
CA ILE A 194 13.43 4.71 4.90
C ILE A 194 14.69 5.11 4.14
N SER A 195 15.55 5.91 4.75
CA SER A 195 16.77 6.38 4.09
C SER A 195 17.74 5.25 3.82
N VAL A 196 18.00 4.44 4.84
CA VAL A 196 18.90 3.30 4.72
C VAL A 196 18.42 2.37 3.60
N ILE A 197 17.13 2.06 3.58
CA ILE A 197 16.63 1.13 2.58
C ILE A 197 16.61 1.75 1.18
N SER A 198 16.13 3.00 1.05
CA SER A 198 16.07 3.60 -0.27
C SER A 198 17.46 3.81 -0.88
N GLN A 199 18.46 4.03 -0.05
CA GLN A 199 19.85 4.17 -0.54
C GLN A 199 20.53 2.85 -0.90
N ASN A 200 19.98 1.73 -0.47
CA ASN A 200 20.65 0.45 -0.62
C ASN A 200 19.86 -0.64 -1.31
N VAL A 201 18.68 -0.27 -1.80
CA VAL A 201 17.99 -1.07 -2.80
C VAL A 201 17.63 -0.18 -3.97
N GLU A 202 17.45 -0.79 -5.13
CA GLU A 202 17.25 -0.02 -6.34
C GLU A 202 15.77 0.10 -6.71
N ILE A 203 14.97 -0.82 -6.20
CA ILE A 203 13.56 -0.80 -6.52
C ILE A 203 12.82 0.25 -5.69
N PRO A 204 11.64 0.67 -6.16
CA PRO A 204 10.93 1.76 -5.47
C PRO A 204 10.39 1.35 -4.11
N ILE A 205 10.29 2.34 -3.24
CA ILE A 205 9.85 2.16 -1.86
C ILE A 205 8.51 2.84 -1.60
N ILE A 206 7.54 2.06 -1.16
CA ILE A 206 6.28 2.57 -0.65
C ILE A 206 6.36 2.64 0.87
N VAL A 207 5.89 3.74 1.45
CA VAL A 207 5.80 3.85 2.89
C VAL A 207 4.37 4.17 3.29
N GLY A 208 3.85 3.47 4.29
CA GLY A 208 2.58 3.80 4.87
C GLY A 208 2.47 3.40 6.31
N GLY A 209 1.45 3.92 6.98
CA GLY A 209 1.10 3.52 8.34
C GLY A 209 1.39 4.62 9.32
N GLY A 210 0.35 5.13 9.95
CA GLY A 210 0.54 6.11 11.01
C GLY A 210 0.84 7.55 10.59
N ILE A 211 0.74 7.86 9.32
CA ILE A 211 1.06 9.21 8.86
C ILE A 211 -0.20 10.05 8.97
N VAL A 212 -0.15 11.09 9.80
CA VAL A 212 -1.35 11.81 10.23
C VAL A 212 -1.35 13.30 9.86
N ASP A 213 -0.29 13.77 9.22
CA ASP A 213 -0.27 15.12 8.68
C ASP A 213 0.55 15.21 7.42
N LEU A 214 0.37 16.30 6.69
CA LEU A 214 1.10 16.50 5.45
C LEU A 214 2.60 16.51 5.68
N HIS A 215 3.02 17.03 6.83
CA HIS A 215 4.44 17.12 7.13
C HIS A 215 5.05 15.73 7.17
N GLY A 216 4.31 14.77 7.72
CA GLY A 216 4.77 13.40 7.74
C GLY A 216 4.94 12.81 6.36
N ILE A 217 4.07 13.18 5.43
CA ILE A 217 4.22 12.76 4.05
C ILE A 217 5.51 13.36 3.47
N LYS A 218 5.74 14.64 3.71
CA LYS A 218 6.91 15.30 3.13
C LYS A 218 8.19 14.74 3.68
N LYS A 219 8.17 14.41 4.96
CA LYS A 219 9.35 13.88 5.60
C LYS A 219 9.68 12.49 5.04
N ALA A 220 8.65 11.68 4.84
CA ALA A 220 8.85 10.36 4.26
C ALA A 220 9.41 10.51 2.88
N TYR A 221 8.85 11.40 2.05
CA TYR A 221 9.39 11.61 0.73
C TYR A 221 10.86 12.03 0.77
N ASN A 222 11.16 12.98 1.65
CA ASN A 222 12.52 13.47 1.77
C ASN A 222 13.49 12.39 2.19
N ALA A 223 13.02 11.43 2.98
CA ALA A 223 13.85 10.37 3.49
C ALA A 223 14.04 9.29 2.45
N GLY A 224 13.23 9.29 1.39
CA GLY A 224 13.45 8.37 0.29
C GLY A 224 12.24 7.58 -0.19
N ALA A 225 11.08 7.82 0.40
CA ALA A 225 9.89 7.15 -0.08
C ALA A 225 9.56 7.65 -1.46
N ASP A 226 9.19 6.72 -2.32
CA ASP A 226 8.81 7.05 -3.67
C ASP A 226 7.30 7.21 -3.77
N LEU A 227 6.58 6.58 -2.85
CA LEU A 227 5.13 6.64 -2.82
C LEU A 227 4.74 6.50 -1.37
N VAL A 228 3.86 7.38 -0.91
CA VAL A 228 3.31 7.31 0.42
C VAL A 228 1.84 6.97 0.37
N VAL A 229 1.42 6.09 1.29
CA VAL A 229 0.02 5.69 1.44
C VAL A 229 -0.61 6.36 2.65
N ILE A 230 -1.77 6.99 2.44
CA ILE A 230 -2.56 7.56 3.53
C ILE A 230 -3.91 6.90 3.54
N GLY A 231 -4.28 6.30 4.66
CA GLY A 231 -5.61 5.75 4.85
C GLY A 231 -6.39 6.48 5.91
N THR A 232 -6.04 6.17 7.16
CA THR A 232 -6.73 6.64 8.34
C THR A 232 -6.99 8.14 8.34
N ALA A 233 -5.98 8.94 8.01
CA ALA A 233 -6.11 10.39 8.17
C ALA A 233 -7.16 10.94 7.22
N PHE A 234 -7.34 10.29 6.09
CA PHE A 234 -8.32 10.74 5.11
C PHE A 234 -9.67 10.12 5.41
N GLU A 235 -9.68 8.89 5.92
CA GLU A 235 -10.91 8.28 6.42
C GLU A 235 -11.51 9.10 7.57
N ASN A 236 -10.66 9.70 8.39
CA ASN A 236 -11.11 10.51 9.53
C ASN A 236 -11.51 11.93 9.12
N ASP A 237 -10.97 12.40 8.00
CA ASP A 237 -11.23 13.76 7.53
C ASP A 237 -11.11 13.82 6.01
N SER A 238 -12.25 13.85 5.33
CA SER A 238 -12.26 13.94 3.88
C SER A 238 -11.60 15.22 3.40
N HIS A 239 -11.43 16.21 4.29
CA HIS A 239 -10.74 17.44 3.92
C HIS A 239 -9.26 17.48 4.25
N PHE A 240 -8.69 16.32 4.57
CA PHE A 240 -7.30 16.23 4.98
C PHE A 240 -6.36 16.95 4.03
N PHE A 241 -6.64 16.90 2.74
CA PHE A 241 -5.74 17.46 1.75
C PHE A 241 -6.06 18.90 1.34
N ASP A 242 -7.08 19.48 1.95
CA ASP A 242 -7.47 20.85 1.65
C ASP A 242 -6.36 21.86 1.97
N SER A 243 -6.33 22.92 1.18
CA SER A 243 -5.34 23.97 1.32
C SER A 243 -6.08 25.26 1.62
N LEU A 244 -5.41 26.28 2.12
CA LEU A 244 -6.10 27.58 2.33
C LEU A 244 -6.48 28.32 1.03
C3 1GP B . -2.15 0.77 6.05
O3 1GP B . -0.13 1.74 5.14
C2 1GP B . -1.54 1.82 5.19
O2 1GP B . -2.03 -0.47 5.45
C1 1GP B . -2.04 3.18 5.61
O1P 1GP B . -1.86 3.46 6.96
O2P 1GP B . -2.28 4.61 9.07
O3P 1GP B . -2.59 5.76 6.91
O4P 1GP B . -4.25 3.99 7.62
P 1GP B . -2.83 4.50 7.67
H31 1GP B . -3.09 0.98 6.19
H32 1GP B . -1.69 0.75 6.91
HO3 1GP B . 0.12 0.90 5.05
H2 1GP B . -1.86 1.67 4.29
HO2 1GP B . -1.54 -0.40 4.71
H11 1GP B . -1.57 3.85 5.09
H12 1GP B . -2.99 3.25 5.40
C1 PGE C . -3.22 -12.61 -1.44
O1 PGE C . -3.45 -12.50 -2.80
C2 PGE C . -1.76 -12.67 -1.13
O2 PGE C . -1.55 -12.41 0.22
C3 PGE C . -0.76 -11.32 0.60
C4 PGE C . 0.12 -11.63 1.78
O4 PGE C . -1.52 -9.31 5.39
C6 PGE C . -0.42 -9.60 4.62
C5 PGE C . -0.84 -10.02 3.25
O3 PGE C . 0.26 -10.51 2.58
H1 PGE C . -3.60 -11.83 -1.00
H12 PGE C . -3.66 -13.42 -1.10
HO1 PGE C . -2.69 -12.64 -3.24
H2 PGE C . -1.40 -13.54 -1.36
H22 PGE C . -1.30 -11.99 -1.66
H3 PGE C . -0.20 -11.06 -0.15
H32 PGE C . -1.35 -10.59 0.83
H4 PGE C . -0.31 -12.33 2.30
H42 PGE C . 0.99 -11.94 1.48
HO4 PGE C . -2.03 -8.73 4.97
H6 PGE C . 0.06 -10.34 5.02
H62 PGE C . 0.16 -8.83 4.56
H5 PGE C . -1.21 -9.25 2.77
H52 PGE C . -1.51 -10.73 3.32
P PO4 D . 7.10 -14.26 12.96
O1 PO4 D . 7.18 -12.79 12.62
O2 PO4 D . 8.52 -14.79 12.87
O3 PO4 D . 6.61 -14.38 14.39
O4 PO4 D . 6.14 -15.02 12.07
MG MG E . -0.04 6.32 6.57
MG MG F . -3.26 8.19 7.85
#